data_1GFF
#
_entry.id   1GFF
#
_cell.length_a   414.200
_cell.length_b   414.200
_cell.length_c   263.000
_cell.angle_alpha   90.00
_cell.angle_beta   90.00
_cell.angle_gamma   120.00
#
_symmetry.space_group_name_H-M   'P 63 2 2'
#
loop_
_entity.id
_entity.type
_entity.pdbx_description
1 polymer 'BACTERIOPHAGE G4 CAPSID PROTEINS GPF, GPG, GPJ'
2 polymer 'BACTERIOPHAGE G4 CAPSID PROTEINS GPF, GPG, GPJ'
3 polymer 'BACTERIOPHAGE G4 CAPSID PROTEINS GPF, GPG, GPJ'
#
loop_
_entity_poly.entity_id
_entity_poly.type
_entity_poly.pdbx_seq_one_letter_code
_entity_poly.pdbx_strand_id
1 'polypeptide(L)'
;SNVQTSADRVPHDLSHLVFEAGKIGRLKTISWTPVVAGDSFECDMVGAIRLSPLRRGLAVDSRVDIFSFYIPHRHIYGQQ
WINFMKDGVNASPLPPVTCSSGWDSAAYLGTIPSSTLKVPKFLHQGYLNIYNNYFKPPWSDDLTYANPSNMPSEDYKWGV
RVANLKSIWTAPLPPDTRTSENMTTGTSTIDIMGLQAAYAKLHTEQERDYFMTRYRDIMKEFGGHTSYDGDNRPLLLMRS
EFWASGYDVDGTDQSSLGQFSGRVQQTFNHKVPRFYVPEHGVIMTLAVTRFPPTHEMEMHYLVGKENLTYTDIACDPALM
ANLPPREVSLKEFFHSSPDSAKFKIAEGQWYRTQPDRVAFPYNALDGFPFYSALPSTDLKDRVLVNTNNYDEIFQSMQLA
HWNMQTKFNINVYRHMPTTRDSIMTS
;
1
2 'polypeptide(L)'
;MFQKFISKHNAPINSTQLAATKTPAVAAPVLSVPNLSRSTILINATTTAVTTHSGLCHVVRIDETNPTNHHALSIAGSLS
NVPADMIAFAIRFEVADGVVPTAVPALYDVYPIETFNNGKAISFKDAVTIDSHPRTVGNDVYAGIMLWSNAWTASTISGV
LSVNQVNREATVLQPLK
;
2
3 'polypeptide(L)' MKKSIRRSGGKSKGARLWYVGGTQY 3
#
# COMPACT_ATOMS: atom_id res chain seq x y z
N VAL A 10 8.25 -31.03 25.01
CA VAL A 10 9.19 -31.49 24.02
C VAL A 10 9.19 -30.59 22.80
N PRO A 11 10.31 -30.56 22.07
CA PRO A 11 10.46 -29.69 20.95
C PRO A 11 9.40 -29.94 19.93
N HIS A 12 8.74 -28.87 19.61
CA HIS A 12 7.68 -28.87 18.60
C HIS A 12 8.13 -28.00 17.44
N ASP A 13 8.41 -28.68 16.35
CA ASP A 13 8.85 -28.04 15.13
C ASP A 13 7.65 -27.46 14.38
N LEU A 14 7.50 -26.17 14.54
CA LEU A 14 6.40 -25.41 13.95
C LEU A 14 6.90 -24.56 12.79
N SER A 15 7.90 -25.09 12.11
CA SER A 15 8.50 -24.44 10.95
C SER A 15 7.51 -24.45 9.78
N HIS A 16 7.70 -23.51 8.89
CA HIS A 16 6.83 -23.36 7.70
C HIS A 16 7.42 -22.30 6.76
N LEU A 17 7.02 -22.42 5.51
CA LEU A 17 7.46 -21.49 4.46
C LEU A 17 6.51 -20.29 4.40
N VAL A 18 7.06 -19.19 3.95
CA VAL A 18 6.33 -17.94 3.80
C VAL A 18 6.60 -17.31 2.43
N PHE A 19 5.53 -17.12 1.68
CA PHE A 19 5.58 -16.46 0.37
C PHE A 19 4.82 -15.14 0.52
N GLU A 20 5.61 -14.09 0.59
CA GLU A 20 5.10 -12.76 0.92
C GLU A 20 5.19 -11.75 -0.24
N ALA A 21 4.54 -10.62 0.03
CA ALA A 21 4.44 -9.47 -0.89
C ALA A 21 3.58 -8.37 -0.24
N GLY A 22 3.95 -7.12 -0.51
CA GLY A 22 3.23 -5.95 0.04
C GLY A 22 3.71 -4.64 -0.64
N LYS A 23 3.21 -3.54 -0.11
CA LYS A 23 3.54 -2.18 -0.60
C LYS A 23 4.83 -1.70 0.08
N ILE A 24 5.08 -0.40 0.00
CA ILE A 24 6.35 0.19 0.47
C ILE A 24 6.36 0.63 1.95
N GLY A 25 5.45 1.52 2.33
CA GLY A 25 5.47 2.07 3.71
C GLY A 25 4.28 1.61 4.57
N ARG A 26 3.89 0.37 4.39
CA ARG A 26 2.77 -0.21 5.16
C ARG A 26 3.21 -1.47 5.90
N LEU A 27 2.79 -1.52 7.17
CA LEU A 27 3.09 -2.64 8.09
C LEU A 27 2.19 -3.83 7.77
N LYS A 28 2.82 -4.96 7.66
CA LYS A 28 2.15 -6.19 7.24
C LYS A 28 2.68 -7.40 8.00
N THR A 29 1.74 -8.20 8.48
CA THR A 29 2.03 -9.45 9.23
C THR A 29 2.47 -10.52 8.24
N ILE A 30 3.61 -11.12 8.52
CA ILE A 30 4.19 -12.15 7.63
C ILE A 30 4.12 -13.54 8.28
N SER A 31 3.94 -13.58 9.58
CA SER A 31 3.85 -14.85 10.32
C SER A 31 3.36 -14.63 11.76
N TRP A 32 2.60 -15.61 12.22
CA TRP A 32 2.07 -15.63 13.59
C TRP A 32 1.94 -17.08 14.06
N THR A 33 2.36 -17.27 15.30
CA THR A 33 2.37 -18.59 15.95
C THR A 33 1.66 -18.54 17.30
N PRO A 34 0.48 -19.16 17.45
CA PRO A 34 -0.19 -19.19 18.74
C PRO A 34 0.68 -19.95 19.72
N VAL A 35 0.87 -19.35 20.89
CA VAL A 35 1.70 -19.95 21.97
C VAL A 35 0.89 -20.21 23.22
N VAL A 36 1.32 -21.25 23.95
CA VAL A 36 0.66 -21.55 25.23
C VAL A 36 1.55 -21.23 26.42
N ALA A 37 0.84 -20.92 27.49
CA ALA A 37 1.42 -20.53 28.77
C ALA A 37 2.46 -21.56 29.20
N GLY A 38 3.66 -21.06 29.36
CA GLY A 38 4.78 -21.85 29.86
C GLY A 38 5.67 -22.43 28.75
N ASP A 39 5.40 -22.16 27.48
CA ASP A 39 6.31 -22.74 26.48
C ASP A 39 7.34 -21.68 26.06
N SER A 40 8.48 -22.21 25.65
CA SER A 40 9.64 -21.43 25.19
C SER A 40 9.60 -21.40 23.66
N PHE A 41 9.78 -20.21 23.13
CA PHE A 41 9.72 -19.97 21.69
C PHE A 41 10.99 -19.31 21.15
N GLU A 42 11.47 -19.91 20.08
CA GLU A 42 12.66 -19.42 19.35
C GLU A 42 12.41 -19.64 17.86
N CYS A 43 12.85 -18.67 17.09
CA CYS A 43 12.67 -18.69 15.63
C CYS A 43 13.88 -18.15 14.90
N ASP A 44 14.09 -18.75 13.74
CA ASP A 44 15.16 -18.37 12.82
C ASP A 44 14.58 -18.28 11.41
N MET A 45 14.30 -17.06 11.10
CA MET A 45 13.70 -16.65 9.86
C MET A 45 14.80 -16.23 8.89
N VAL A 46 14.91 -16.99 7.81
CA VAL A 46 15.93 -16.74 6.82
C VAL A 46 15.37 -16.87 5.42
N GLY A 47 15.53 -15.78 4.70
CA GLY A 47 15.06 -15.68 3.32
C GLY A 47 15.73 -14.52 2.59
N ALA A 48 15.09 -14.24 1.48
CA ALA A 48 15.50 -13.19 0.55
C ALA A 48 14.33 -12.25 0.28
N ILE A 49 14.68 -10.98 0.22
CA ILE A 49 13.73 -9.90 -0.05
C ILE A 49 14.01 -9.32 -1.43
N ARG A 50 12.96 -9.25 -2.22
CA ARG A 50 13.02 -8.72 -3.58
C ARG A 50 12.02 -7.57 -3.73
N LEU A 51 12.41 -6.62 -4.53
CA LEU A 51 11.56 -5.48 -4.91
C LEU A 51 11.03 -5.80 -6.30
N SER A 52 9.92 -5.22 -6.71
CA SER A 52 9.43 -5.49 -8.07
C SER A 52 10.50 -5.00 -9.04
N PRO A 53 10.59 -5.49 -10.29
CA PRO A 53 11.65 -5.03 -11.17
C PRO A 53 11.51 -3.55 -11.36
N LEU A 54 12.57 -2.78 -11.16
CA LEU A 54 12.43 -1.33 -11.39
C LEU A 54 12.81 -0.98 -12.84
N ARG A 55 12.34 0.19 -13.23
CA ARG A 55 12.42 0.68 -14.62
C ARG A 55 13.84 1.04 -15.08
N ARG A 56 14.75 1.33 -14.18
CA ARG A 56 16.15 1.60 -14.58
C ARG A 56 17.06 0.86 -13.61
N GLY A 57 18.32 1.27 -13.58
CA GLY A 57 19.32 0.63 -12.70
C GLY A 57 19.12 1.07 -11.25
N LEU A 58 19.69 0.30 -10.34
CA LEU A 58 19.63 0.59 -8.90
C LEU A 58 20.26 1.95 -8.66
N ALA A 59 19.64 2.69 -7.75
CA ALA A 59 20.12 4.03 -7.40
C ALA A 59 20.18 4.19 -5.88
N VAL A 60 19.18 3.65 -5.17
CA VAL A 60 19.18 3.79 -3.72
C VAL A 60 18.52 2.59 -3.06
N ASP A 61 19.27 2.07 -2.11
CA ASP A 61 18.87 0.90 -1.31
C ASP A 61 17.73 1.26 -0.37
N SER A 62 16.82 0.33 -0.28
CA SER A 62 15.68 0.43 0.62
C SER A 62 16.06 -0.27 1.92
N ARG A 63 15.50 0.22 3.00
CA ARG A 63 15.76 -0.34 4.32
C ARG A 63 14.56 -1.19 4.74
N VAL A 64 14.87 -2.30 5.37
CA VAL A 64 13.86 -3.26 5.81
C VAL A 64 13.94 -3.50 7.32
N ASP A 65 12.76 -3.54 7.91
CA ASP A 65 12.57 -3.78 9.34
C ASP A 65 11.62 -4.94 9.56
N ILE A 66 12.11 -5.90 10.30
CA ILE A 66 11.34 -7.10 10.67
C ILE A 66 11.19 -7.08 12.19
N PHE A 67 9.96 -7.23 12.62
CA PHE A 67 9.62 -7.17 14.05
C PHE A 67 8.87 -8.43 14.51
N SER A 68 9.20 -8.85 15.72
CA SER A 68 8.51 -9.96 16.40
C SER A 68 8.10 -9.50 17.76
N PHE A 69 6.82 -9.58 17.97
CA PHE A 69 6.22 -9.16 19.21
C PHE A 69 5.37 -10.27 19.83
N TYR A 70 5.15 -10.09 21.11
CA TYR A 70 4.37 -11.00 21.95
C TYR A 70 3.19 -10.24 22.55
N ILE A 71 2.01 -10.67 22.20
CA ILE A 71 0.81 -10.06 22.77
C ILE A 71 -0.03 -11.15 23.43
N PRO A 72 0.01 -11.21 24.75
CA PRO A 72 -0.81 -12.15 25.51
C PRO A 72 -2.29 -11.89 25.21
N HIS A 73 -3.09 -12.96 25.27
CA HIS A 73 -4.55 -12.93 24.96
C HIS A 73 -5.33 -12.04 25.94
N ARG A 74 -4.96 -12.14 27.19
CA ARG A 74 -5.58 -11.34 28.27
C ARG A 74 -5.64 -9.88 27.82
N HIS A 75 -4.53 -9.48 27.21
CA HIS A 75 -4.36 -8.13 26.66
C HIS A 75 -5.49 -7.80 25.65
N ILE A 76 -5.96 -8.85 25.01
CA ILE A 76 -6.96 -8.73 23.94
C ILE A 76 -8.42 -8.94 24.41
N TYR A 77 -8.66 -9.97 25.20
CA TYR A 77 -10.03 -10.29 25.66
C TYR A 77 -10.29 -9.79 27.08
N GLY A 78 -9.26 -9.28 27.71
CA GLY A 78 -9.35 -8.74 29.07
C GLY A 78 -10.01 -9.77 30.00
N GLN A 79 -10.88 -9.26 30.86
CA GLN A 79 -11.57 -10.08 31.87
C GLN A 79 -12.27 -11.30 31.25
N GLN A 80 -12.72 -11.14 30.01
CA GLN A 80 -13.42 -12.24 29.30
C GLN A 80 -12.51 -13.47 29.21
N TRP A 81 -11.25 -13.21 28.97
CA TRP A 81 -10.24 -14.26 28.85
C TRP A 81 -9.98 -14.90 30.22
N ILE A 82 -9.84 -14.04 31.22
CA ILE A 82 -9.58 -14.47 32.60
C ILE A 82 -10.63 -15.48 33.05
N ASN A 83 -11.86 -15.13 32.76
CA ASN A 83 -13.03 -15.96 33.12
C ASN A 83 -13.02 -17.28 32.34
N PHE A 84 -12.63 -17.16 31.09
CA PHE A 84 -12.54 -18.28 30.14
C PHE A 84 -11.60 -19.36 30.71
N MET A 85 -10.44 -18.90 31.16
CA MET A 85 -9.39 -19.78 31.71
C MET A 85 -9.86 -20.42 33.01
N LYS A 86 -10.56 -19.63 33.80
CA LYS A 86 -11.09 -20.07 35.09
C LYS A 86 -12.20 -21.10 34.87
N ASP A 87 -13.17 -20.70 34.06
CA ASP A 87 -14.34 -21.51 33.73
C ASP A 87 -13.89 -22.89 33.19
N GLY A 88 -12.81 -22.85 32.45
CA GLY A 88 -12.19 -24.05 31.88
C GLY A 88 -12.97 -24.58 30.67
N VAL A 89 -13.09 -25.90 30.67
CA VAL A 89 -13.71 -26.70 29.60
C VAL A 89 -15.06 -26.16 29.13
N ASN A 90 -15.85 -25.64 30.03
CA ASN A 90 -17.20 -25.18 29.66
C ASN A 90 -17.30 -23.66 29.58
N ALA A 91 -16.16 -23.04 29.35
CA ALA A 91 -16.09 -21.60 29.17
C ALA A 91 -16.76 -21.26 27.84
N SER A 92 -17.38 -20.09 27.79
CA SER A 92 -18.05 -19.64 26.56
C SER A 92 -17.00 -19.44 25.47
N PRO A 93 -17.23 -19.87 24.22
CA PRO A 93 -16.25 -19.71 23.16
C PRO A 93 -15.91 -18.26 22.97
N LEU A 94 -14.65 -18.03 22.57
CA LEU A 94 -14.09 -16.69 22.30
C LEU A 94 -14.52 -16.22 20.91
N PRO A 95 -15.42 -15.22 20.80
CA PRO A 95 -15.93 -14.76 19.51
C PRO A 95 -14.87 -14.17 18.61
N PRO A 96 -14.63 -14.76 17.40
CA PRO A 96 -13.71 -14.17 16.42
C PRO A 96 -14.24 -12.82 15.95
N VAL A 97 -13.44 -12.15 15.10
CA VAL A 97 -13.78 -10.83 14.51
C VAL A 97 -14.25 -11.01 13.05
N THR A 98 -14.94 -9.97 12.53
CA THR A 98 -15.50 -9.99 11.16
C THR A 98 -14.56 -9.30 10.15
N CYS A 99 -14.67 -9.75 8.90
CA CYS A 99 -13.82 -9.24 7.80
C CYS A 99 -14.62 -8.98 6.53
N SER A 100 -13.90 -8.29 5.66
CA SER A 100 -14.40 -7.82 4.36
C SER A 100 -14.17 -8.83 3.25
N SER A 101 -15.18 -8.83 2.41
CA SER A 101 -15.33 -9.70 1.23
C SER A 101 -14.18 -9.54 0.25
N GLY A 102 -13.16 -10.32 0.51
CA GLY A 102 -11.95 -10.36 -0.32
C GLY A 102 -10.97 -11.35 0.28
N TRP A 103 -10.54 -12.28 -0.55
CA TRP A 103 -9.55 -13.30 -0.14
C TRP A 103 -8.31 -12.62 0.39
N ASP A 104 -8.21 -11.36 0.05
CA ASP A 104 -7.09 -10.50 0.45
C ASP A 104 -7.61 -9.45 1.43
N SER A 105 -8.54 -9.92 2.24
CA SER A 105 -9.26 -9.09 3.22
C SER A 105 -8.76 -9.25 4.66
N ALA A 106 -7.62 -9.88 4.83
CA ALA A 106 -7.02 -10.07 6.16
C ALA A 106 -5.51 -9.99 6.04
N ALA A 107 -5.14 -9.79 4.80
CA ALA A 107 -3.75 -9.68 4.35
C ALA A 107 -2.87 -9.13 5.46
N TYR A 108 -3.28 -8.00 6.02
CA TYR A 108 -2.49 -7.34 7.04
C TYR A 108 -2.27 -8.23 8.21
N LEU A 109 -3.06 -9.27 8.29
CA LEU A 109 -2.96 -10.22 9.40
C LEU A 109 -2.24 -11.48 8.95
N GLY A 110 -1.72 -11.42 7.74
CA GLY A 110 -0.96 -12.53 7.13
C GLY A 110 -1.72 -13.85 7.26
N THR A 111 -3.01 -13.77 7.03
CA THR A 111 -3.90 -14.93 7.10
C THR A 111 -5.11 -14.74 6.18
N ILE A 112 -5.59 -15.87 5.71
CA ILE A 112 -6.76 -15.94 4.85
C ILE A 112 -8.02 -15.95 5.71
N PRO A 113 -8.95 -15.01 5.51
CA PRO A 113 -10.15 -14.97 6.33
C PRO A 113 -10.90 -16.26 6.18
N SER A 114 -11.18 -16.87 7.32
CA SER A 114 -11.91 -18.15 7.36
C SER A 114 -13.04 -18.09 6.34
N SER A 115 -13.63 -19.24 6.12
CA SER A 115 -14.70 -19.43 5.13
C SER A 115 -15.89 -18.48 5.38
N THR A 116 -16.07 -18.06 6.61
CA THR A 116 -17.20 -17.16 6.93
C THR A 116 -16.73 -15.70 7.00
N LEU A 117 -15.52 -15.47 6.54
CA LEU A 117 -14.96 -14.11 6.49
C LEU A 117 -14.81 -13.49 7.89
N LYS A 118 -14.44 -14.33 8.82
CA LYS A 118 -14.20 -13.91 10.22
C LYS A 118 -12.82 -14.42 10.62
N VAL A 119 -12.26 -13.79 11.65
CA VAL A 119 -10.88 -14.08 12.08
C VAL A 119 -10.68 -13.74 13.57
N PRO A 120 -9.62 -14.29 14.24
CA PRO A 120 -9.39 -14.02 15.66
C PRO A 120 -9.24 -12.55 15.92
N LYS A 121 -9.84 -12.15 17.04
CA LYS A 121 -9.81 -10.76 17.48
C LYS A 121 -8.40 -10.37 17.93
N PHE A 122 -7.69 -11.36 18.47
CA PHE A 122 -6.31 -11.16 18.97
C PHE A 122 -5.35 -10.98 17.78
N LEU A 123 -5.84 -11.38 16.61
CA LEU A 123 -5.10 -11.21 15.35
C LEU A 123 -5.29 -9.78 14.89
N HIS A 124 -6.52 -9.33 15.09
CA HIS A 124 -6.96 -7.98 14.72
C HIS A 124 -6.46 -6.96 15.76
N GLN A 125 -7.01 -7.07 16.95
CA GLN A 125 -6.65 -6.17 18.06
C GLN A 125 -5.15 -6.25 18.32
N GLY A 126 -4.64 -7.47 18.23
CA GLY A 126 -3.22 -7.75 18.43
C GLY A 126 -2.40 -6.82 17.53
N TYR A 127 -2.83 -6.79 16.28
CA TYR A 127 -2.22 -5.96 15.23
C TYR A 127 -2.42 -4.48 15.54
N LEU A 128 -3.65 -4.16 15.90
CA LEU A 128 -4.07 -2.80 16.25
C LEU A 128 -3.20 -2.25 17.38
N ASN A 129 -3.04 -3.11 18.36
CA ASN A 129 -2.26 -2.79 19.55
C ASN A 129 -0.80 -2.59 19.18
N ILE A 130 -0.27 -3.43 18.27
CA ILE A 130 1.13 -3.23 17.89
C ILE A 130 1.40 -1.95 17.09
N TYR A 131 0.42 -1.44 16.40
CA TYR A 131 0.64 -0.22 15.59
C TYR A 131 0.48 1.04 16.44
N ASN A 132 -0.60 1.07 17.18
CA ASN A 132 -0.97 2.21 18.03
C ASN A 132 0.04 2.44 19.15
N ASN A 133 0.96 1.50 19.31
CA ASN A 133 1.93 1.55 20.41
C ASN A 133 3.39 1.74 19.94
N TYR A 134 3.67 1.51 18.68
CA TYR A 134 5.08 1.59 18.22
C TYR A 134 5.29 2.18 16.82
N PHE A 135 4.23 2.48 16.10
CA PHE A 135 4.41 2.96 14.72
C PHE A 135 3.65 4.24 14.45
N LYS A 136 2.42 4.26 14.91
CA LYS A 136 1.58 5.44 14.77
C LYS A 136 2.30 6.64 15.36
N PRO A 137 2.32 7.81 14.70
CA PRO A 137 2.94 8.96 15.29
C PRO A 137 2.32 9.19 16.65
N PRO A 138 3.17 9.65 17.58
CA PRO A 138 2.86 9.83 19.00
C PRO A 138 1.93 10.93 19.42
N TRP A 139 1.53 11.80 18.50
CA TRP A 139 0.58 12.89 18.82
C TRP A 139 -0.70 12.55 18.14
N SER A 140 -0.53 11.50 17.41
CA SER A 140 -1.57 10.98 16.59
C SER A 140 -2.61 10.14 17.41
N ASP A 141 -3.79 9.96 16.81
CA ASP A 141 -4.94 9.22 17.42
C ASP A 141 -4.85 7.71 17.09
N ASP A 142 -5.29 6.91 18.07
CA ASP A 142 -5.26 5.43 17.98
C ASP A 142 -6.23 4.90 16.92
N LEU A 143 -5.80 3.80 16.33
CA LEU A 143 -6.63 3.05 15.38
C LEU A 143 -7.57 2.21 16.20
N THR A 144 -8.73 2.76 16.34
CA THR A 144 -9.78 2.20 17.18
C THR A 144 -10.74 1.39 16.33
N TYR A 145 -10.19 0.77 15.31
CA TYR A 145 -10.96 -0.10 14.42
C TYR A 145 -11.49 -1.28 15.23
N ALA A 146 -12.74 -1.57 14.99
CA ALA A 146 -13.46 -2.62 15.71
C ALA A 146 -13.19 -3.98 15.08
N ASN A 147 -13.36 -3.99 13.78
CA ASN A 147 -13.18 -5.17 12.96
C ASN A 147 -12.45 -4.80 11.69
N PRO A 148 -11.75 -5.74 11.06
CA PRO A 148 -11.06 -5.47 9.83
C PRO A 148 -12.01 -4.96 8.76
N SER A 149 -13.30 -5.16 8.96
CA SER A 149 -14.30 -4.68 7.97
C SER A 149 -14.54 -3.17 8.16
N ASN A 150 -13.76 -2.59 9.06
CA ASN A 150 -13.89 -1.17 9.43
C ASN A 150 -12.66 -0.35 9.01
N MET A 151 -11.59 -1.04 8.69
CA MET A 151 -10.32 -0.39 8.30
C MET A 151 -10.28 -0.16 6.79
N PRO A 152 -9.62 0.91 6.30
CA PRO A 152 -9.58 1.20 4.89
C PRO A 152 -9.04 0.03 4.13
N SER A 153 -9.59 -0.10 2.95
CA SER A 153 -9.28 -1.19 2.01
C SER A 153 -7.79 -1.49 1.93
N GLU A 154 -6.99 -0.45 1.70
CA GLU A 154 -5.54 -0.62 1.52
C GLU A 154 -4.81 -0.75 2.85
N ASP A 155 -5.46 -0.35 3.92
CA ASP A 155 -4.84 -0.46 5.25
C ASP A 155 -4.82 -1.93 5.67
N TYR A 156 -5.83 -2.66 5.18
CA TYR A 156 -6.01 -4.08 5.52
C TYR A 156 -5.68 -5.01 4.35
N LYS A 157 -5.14 -4.44 3.30
CA LYS A 157 -4.77 -5.20 2.11
C LYS A 157 -3.28 -5.45 2.10
N TRP A 158 -2.62 -4.37 2.42
CA TRP A 158 -1.18 -4.26 2.39
C TRP A 158 -0.64 -3.79 3.76
N GLY A 159 -1.58 -3.30 4.58
CA GLY A 159 -1.33 -2.81 5.97
C GLY A 159 -1.29 -1.29 6.05
N VAL A 160 -1.48 -0.84 7.29
CA VAL A 160 -1.48 0.59 7.62
C VAL A 160 -0.09 1.17 7.38
N ARG A 161 -0.12 2.44 7.05
CA ARG A 161 1.07 3.23 6.73
C ARG A 161 1.91 3.53 7.96
N VAL A 162 3.19 3.22 7.81
CA VAL A 162 4.20 3.48 8.83
C VAL A 162 4.77 4.87 8.54
N ALA A 163 5.54 5.37 9.49
CA ALA A 163 6.09 6.73 9.39
C ALA A 163 7.40 6.77 8.60
N ASN A 164 7.51 7.86 7.87
CA ASN A 164 8.68 8.19 7.05
C ASN A 164 9.89 8.31 7.96
N LEU A 165 11.05 8.11 7.37
CA LEU A 165 12.32 8.24 8.10
C LEU A 165 12.58 9.72 8.35
N LYS A 166 12.86 9.98 9.61
CA LYS A 166 13.12 11.31 10.17
C LYS A 166 13.94 12.20 9.20
N SER A 167 13.29 13.29 8.84
CA SER A 167 13.85 14.40 8.04
C SER A 167 13.56 15.64 8.87
N ILE A 168 13.73 16.78 8.26
CA ILE A 168 13.43 18.03 8.96
C ILE A 168 11.92 18.28 8.89
N TRP A 169 11.39 18.13 7.68
CA TRP A 169 9.95 18.38 7.41
C TRP A 169 9.08 17.14 7.73
N THR A 170 9.75 16.00 7.90
CA THR A 170 9.06 14.70 8.13
C THR A 170 8.97 14.31 9.61
N ALA A 171 9.36 15.22 10.46
CA ALA A 171 9.31 15.00 11.91
C ALA A 171 9.07 16.33 12.59
N PRO A 172 8.02 17.05 12.21
CA PRO A 172 7.74 18.34 12.78
C PRO A 172 7.49 18.20 14.24
N LEU A 173 7.54 19.31 14.91
CA LEU A 173 7.23 19.36 16.33
C LEU A 173 5.77 18.99 16.48
N PRO A 174 5.32 18.53 17.63
CA PRO A 174 3.94 18.18 17.80
C PRO A 174 3.10 19.35 17.43
N PRO A 175 2.09 19.14 16.59
CA PRO A 175 1.24 20.20 16.08
C PRO A 175 0.52 20.98 17.17
N ASP A 176 0.29 20.35 18.30
CA ASP A 176 -0.43 21.01 19.41
C ASP A 176 0.55 21.79 20.30
N THR A 177 1.76 21.85 19.82
CA THR A 177 2.87 22.52 20.52
C THR A 177 2.60 24.03 20.62
N ARG A 178 2.64 24.47 21.86
CA ARG A 178 2.44 25.86 22.26
C ARG A 178 3.58 26.75 21.75
N THR A 179 3.20 27.86 21.19
CA THR A 179 4.18 28.84 20.70
C THR A 179 4.21 30.06 21.63
N SER A 180 3.36 29.99 22.62
CA SER A 180 3.22 31.04 23.63
C SER A 180 2.39 30.53 24.81
N GLU A 181 2.51 31.24 25.90
CA GLU A 181 1.79 30.91 27.14
C GLU A 181 1.53 32.17 27.94
N ASN A 182 0.26 32.44 28.13
CA ASN A 182 -0.15 33.62 28.89
C ASN A 182 -0.35 33.31 30.35
N MET A 183 0.03 34.28 31.13
CA MET A 183 -0.20 34.28 32.56
C MET A 183 -1.05 35.50 32.83
N THR A 184 -2.25 35.27 33.27
CA THR A 184 -3.13 36.38 33.55
C THR A 184 -2.56 37.16 34.72
N THR A 185 -2.18 38.35 34.36
CA THR A 185 -1.58 39.33 35.26
C THR A 185 -2.62 40.35 35.71
N GLY A 186 -2.23 41.10 36.72
CA GLY A 186 -3.02 42.22 37.24
C GLY A 186 -2.85 43.36 36.26
N THR A 187 -3.59 44.42 36.43
CA THR A 187 -3.54 45.54 35.49
C THR A 187 -2.22 46.35 35.62
N SER A 188 -1.76 46.57 36.84
CA SER A 188 -0.53 47.35 37.03
C SER A 188 0.46 46.66 37.97
N THR A 189 0.41 45.36 37.94
CA THR A 189 1.33 44.53 38.73
C THR A 189 1.21 43.08 38.33
N ILE A 190 2.34 42.45 38.49
CA ILE A 190 2.54 41.04 38.22
C ILE A 190 3.07 40.42 39.50
N ASP A 191 2.69 39.18 39.74
CA ASP A 191 3.14 38.46 40.94
C ASP A 191 4.40 37.67 40.57
N ILE A 192 5.48 38.24 41.06
CA ILE A 192 6.84 37.75 40.83
C ILE A 192 6.96 36.26 41.20
N MET A 193 6.19 35.87 42.20
CA MET A 193 6.19 34.48 42.68
C MET A 193 5.24 33.61 41.82
N GLY A 194 4.16 34.22 41.35
CA GLY A 194 3.16 33.53 40.51
C GLY A 194 3.78 33.20 39.15
N LEU A 195 4.56 34.14 38.67
CA LEU A 195 5.26 34.02 37.40
C LEU A 195 6.13 32.75 37.45
N GLN A 196 6.90 32.64 38.57
CA GLN A 196 7.82 31.52 38.81
C GLN A 196 7.09 30.19 38.64
N ALA A 197 5.98 30.15 39.27
CA ALA A 197 5.08 28.99 39.29
C ALA A 197 4.56 28.65 37.87
N ALA A 198 4.23 29.74 37.18
CA ALA A 198 3.73 29.72 35.77
C ALA A 198 4.70 28.94 34.94
N TYR A 199 5.98 29.23 35.12
CA TYR A 199 7.03 28.56 34.43
C TYR A 199 7.07 27.09 34.84
N ALA A 200 6.90 26.81 36.13
CA ALA A 200 6.95 25.37 36.56
C ALA A 200 5.82 24.61 35.84
N LYS A 201 4.62 25.17 35.83
CA LYS A 201 3.56 24.42 35.12
C LYS A 201 3.82 24.21 33.62
N LEU A 202 4.19 25.25 32.92
CA LEU A 202 4.44 25.13 31.47
C LEU A 202 5.45 24.02 31.18
N HIS A 203 6.42 23.89 32.08
CA HIS A 203 7.50 22.89 31.96
C HIS A 203 6.93 21.48 31.87
N THR A 204 6.09 21.20 32.85
CA THR A 204 5.45 19.90 32.96
C THR A 204 4.59 19.64 31.71
N GLU A 205 4.04 20.71 31.18
CA GLU A 205 3.19 20.61 29.98
C GLU A 205 4.04 20.32 28.76
N GLN A 206 5.08 21.11 28.61
CA GLN A 206 5.99 21.00 27.47
C GLN A 206 6.59 19.59 27.39
N GLU A 207 6.95 19.04 28.52
CA GLU A 207 7.56 17.71 28.56
C GLU A 207 6.59 16.64 28.03
N ARG A 208 5.36 16.72 28.48
CA ARG A 208 4.32 15.78 28.06
C ARG A 208 4.11 15.87 26.54
N ASP A 209 4.15 17.09 26.07
CA ASP A 209 3.91 17.39 24.65
C ASP A 209 5.01 16.81 23.75
N TYR A 210 6.25 17.05 24.13
CA TYR A 210 7.42 16.67 23.32
C TYR A 210 7.90 15.21 23.53
N PHE A 211 7.94 14.74 24.78
CA PHE A 211 8.52 13.40 25.07
C PHE A 211 7.59 12.39 25.77
N MET A 212 6.77 12.86 26.69
CA MET A 212 5.93 11.94 27.47
C MET A 212 4.47 12.01 27.10
N THR A 213 4.17 11.61 25.91
CA THR A 213 2.80 11.55 25.46
C THR A 213 2.20 10.20 25.91
N ARG A 214 3.11 9.34 26.40
CA ARG A 214 2.78 7.97 26.88
C ARG A 214 2.98 7.84 28.42
N TYR A 215 1.99 7.23 29.11
CA TYR A 215 2.05 7.01 30.60
C TYR A 215 3.36 6.38 30.97
N ARG A 216 3.59 5.29 30.30
CA ARG A 216 4.80 4.52 30.50
C ARG A 216 6.00 5.43 30.33
N ASP A 217 5.78 6.53 29.62
CA ASP A 217 6.84 7.51 29.36
C ASP A 217 6.91 8.56 30.46
N ILE A 218 5.77 9.08 30.89
CA ILE A 218 5.78 10.09 31.96
C ILE A 218 6.25 9.44 33.26
N MET A 219 6.23 8.13 33.24
CA MET A 219 6.66 7.33 34.39
C MET A 219 8.14 7.19 34.43
N LYS A 220 8.65 6.77 33.30
CA LYS A 220 10.06 6.60 33.20
C LYS A 220 10.87 7.83 33.60
N GLU A 221 10.30 9.00 33.40
CA GLU A 221 11.00 10.26 33.71
C GLU A 221 10.87 10.58 35.21
N PHE A 222 10.19 9.68 35.90
CA PHE A 222 10.01 9.78 37.35
C PHE A 222 11.05 8.90 38.03
N GLY A 223 11.66 8.08 37.17
CA GLY A 223 12.74 7.16 37.57
C GLY A 223 12.18 5.77 37.89
N GLY A 224 10.94 5.55 37.47
CA GLY A 224 10.25 4.27 37.70
C GLY A 224 10.18 3.46 36.40
N HIS A 225 9.46 2.36 36.49
CA HIS A 225 9.25 1.45 35.36
C HIS A 225 7.83 0.89 35.40
N THR A 226 7.35 0.59 34.21
CA THR A 226 6.00 0.06 34.01
C THR A 226 6.06 -1.19 33.12
N SER A 227 5.51 -2.26 33.66
CA SER A 227 5.44 -3.54 32.95
C SER A 227 4.55 -3.37 31.72
N TYR A 228 4.87 -4.11 30.68
CA TYR A 228 4.07 -4.06 29.46
C TYR A 228 2.66 -4.51 29.80
N ASP A 229 2.52 -4.84 31.08
CA ASP A 229 1.25 -5.31 31.63
C ASP A 229 0.50 -4.18 32.32
N GLY A 230 1.19 -3.08 32.52
CA GLY A 230 0.61 -1.90 33.17
C GLY A 230 -0.16 -1.07 32.15
N ASP A 231 0.37 -1.08 30.93
CA ASP A 231 -0.22 -0.31 29.82
C ASP A 231 -0.59 -1.19 28.62
N ASN A 232 -0.72 -2.48 28.87
CA ASN A 232 -1.20 -3.42 27.85
C ASN A 232 -0.54 -3.19 26.50
N ARG A 233 0.76 -3.15 26.49
CA ARG A 233 1.45 -2.94 25.22
C ARG A 233 2.08 -4.24 24.78
N PRO A 234 2.00 -4.56 23.47
CA PRO A 234 2.64 -5.74 22.98
C PRO A 234 4.11 -5.61 23.27
N LEU A 235 4.69 -6.71 23.66
CA LEU A 235 6.11 -6.77 24.04
C LEU A 235 6.96 -7.06 22.81
N LEU A 236 7.89 -6.14 22.55
CA LEU A 236 8.83 -6.25 21.42
C LEU A 236 9.96 -7.20 21.81
N LEU A 237 9.93 -8.36 21.20
CA LEU A 237 10.87 -9.44 21.50
C LEU A 237 12.17 -9.31 20.70
N MET A 238 12.04 -9.05 19.42
CA MET A 238 13.21 -8.94 18.54
C MET A 238 12.98 -7.96 17.40
N ARG A 239 14.08 -7.37 16.98
CA ARG A 239 14.07 -6.38 15.92
C ARG A 239 15.31 -6.45 15.02
N SER A 240 15.04 -6.65 13.74
CA SER A 240 16.07 -6.68 12.69
C SER A 240 15.79 -5.62 11.66
N GLU A 241 16.86 -5.00 11.28
CA GLU A 241 16.84 -3.94 10.31
C GLU A 241 17.99 -4.16 9.34
N PHE A 242 17.74 -3.85 8.08
CA PHE A 242 18.77 -3.97 7.05
C PHE A 242 18.36 -3.26 5.76
N TRP A 243 19.37 -3.06 4.94
CA TRP A 243 19.24 -2.42 3.63
C TRP A 243 19.30 -3.49 2.54
N ALA A 244 18.28 -3.51 1.72
CA ALA A 244 18.19 -4.49 0.63
C ALA A 244 18.84 -3.93 -0.63
N SER A 245 19.58 -4.78 -1.29
CA SER A 245 20.25 -4.40 -2.55
C SER A 245 20.12 -5.52 -3.58
N GLY A 246 20.90 -5.38 -4.61
CA GLY A 246 20.93 -6.33 -5.73
C GLY A 246 21.94 -5.88 -6.78
N TYR A 247 21.60 -6.16 -8.02
CA TYR A 247 22.45 -5.83 -9.17
C TYR A 247 21.61 -5.44 -10.38
N ASP A 248 22.26 -4.76 -11.30
CA ASP A 248 21.64 -4.31 -12.55
C ASP A 248 21.79 -5.37 -13.62
N VAL A 249 20.81 -5.40 -14.48
CA VAL A 249 20.81 -6.30 -15.63
C VAL A 249 20.95 -5.45 -16.89
N ASP A 250 21.96 -5.78 -17.65
CA ASP A 250 22.30 -5.08 -18.89
C ASP A 250 21.47 -5.61 -20.06
N GLY A 251 20.72 -4.71 -20.68
CA GLY A 251 19.96 -5.04 -21.90
C GLY A 251 20.98 -5.20 -23.02
N THR A 252 20.70 -6.05 -23.99
CA THR A 252 21.70 -6.29 -25.04
C THR A 252 21.10 -6.45 -26.45
N ASP A 253 19.87 -6.03 -26.67
CA ASP A 253 19.29 -6.11 -28.03
C ASP A 253 19.52 -4.74 -28.72
N GLN A 254 19.18 -4.69 -30.00
CA GLN A 254 19.40 -3.48 -30.82
C GLN A 254 18.86 -2.21 -30.15
N SER A 255 17.71 -2.32 -29.55
CA SER A 255 17.02 -1.14 -29.00
C SER A 255 17.35 -0.85 -27.51
N SER A 256 17.61 -1.85 -26.69
CA SER A 256 17.82 -1.57 -25.25
C SER A 256 19.28 -1.80 -24.78
N LEU A 257 20.18 -1.65 -25.72
CA LEU A 257 21.63 -1.75 -25.49
C LEU A 257 22.09 -0.37 -24.97
N GLY A 258 22.33 -0.30 -23.67
CA GLY A 258 22.72 0.95 -22.98
C GLY A 258 21.66 1.28 -21.92
N GLN A 259 20.82 0.29 -21.73
CA GLN A 259 19.69 0.34 -20.78
C GLN A 259 19.88 -0.75 -19.72
N PHE A 260 19.40 -0.48 -18.50
CA PHE A 260 19.58 -1.40 -17.38
C PHE A 260 18.33 -1.47 -16.50
N SER A 261 18.24 -2.59 -15.82
CA SER A 261 17.16 -2.88 -14.88
C SER A 261 17.78 -3.41 -13.58
N GLY A 262 17.54 -2.68 -12.52
CA GLY A 262 18.06 -3.01 -11.19
C GLY A 262 17.27 -4.18 -10.58
N ARG A 263 18.02 -5.20 -10.18
CA ARG A 263 17.47 -6.40 -9.55
C ARG A 263 17.88 -6.45 -8.08
N VAL A 264 16.91 -6.27 -7.22
CA VAL A 264 17.15 -6.25 -5.78
C VAL A 264 16.82 -7.59 -5.11
N GLN A 265 17.89 -8.34 -4.90
CA GLN A 265 17.85 -9.63 -4.18
C GLN A 265 18.64 -9.44 -2.89
N GLN A 266 17.96 -9.59 -1.79
CA GLN A 266 18.58 -9.38 -0.48
C GLN A 266 18.31 -10.55 0.46
N THR A 267 19.39 -11.25 0.78
CA THR A 267 19.33 -12.34 1.76
C THR A 267 19.32 -11.71 3.14
N PHE A 268 18.38 -12.11 3.94
CA PHE A 268 18.27 -11.58 5.30
C PHE A 268 18.01 -12.72 6.27
N ASN A 269 18.16 -12.39 7.53
CA ASN A 269 17.97 -13.37 8.60
C ASN A 269 17.61 -12.63 9.84
N HIS A 270 16.80 -13.29 10.60
CA HIS A 270 16.27 -12.73 11.80
C HIS A 270 16.25 -13.81 12.86
N LYS A 271 16.69 -13.45 14.02
CA LYS A 271 16.73 -14.42 15.09
C LYS A 271 16.08 -13.90 16.34
N VAL A 272 15.01 -14.59 16.67
CA VAL A 272 14.26 -14.34 17.89
C VAL A 272 14.81 -15.29 18.93
N PRO A 273 15.59 -14.79 19.88
CA PRO A 273 16.19 -15.65 20.88
C PRO A 273 15.12 -16.36 21.62
N ARG A 274 15.47 -17.51 22.17
CA ARG A 274 14.50 -18.29 22.93
C ARG A 274 13.75 -17.33 23.84
N PHE A 275 12.50 -17.64 24.05
CA PHE A 275 11.64 -16.78 24.86
C PHE A 275 10.60 -17.60 25.61
N TYR A 276 10.51 -17.23 26.86
CA TYR A 276 9.59 -17.82 27.82
C TYR A 276 8.24 -17.11 27.73
N VAL A 277 7.25 -17.87 27.27
CA VAL A 277 5.87 -17.35 27.12
C VAL A 277 5.15 -17.43 28.47
N PRO A 278 4.96 -16.30 29.17
CA PRO A 278 4.32 -16.29 30.47
C PRO A 278 2.91 -16.85 30.41
N GLU A 279 2.12 -16.32 29.49
CA GLU A 279 0.72 -16.75 29.31
C GLU A 279 0.45 -17.10 27.85
N HIS A 280 -0.76 -17.58 27.60
CA HIS A 280 -1.22 -17.93 26.26
C HIS A 280 -1.35 -16.64 25.43
N GLY A 281 -0.92 -16.70 24.19
CA GLY A 281 -0.98 -15.55 23.29
C GLY A 281 -0.41 -15.90 21.92
N VAL A 282 -0.30 -14.86 21.12
CA VAL A 282 0.22 -14.96 19.76
C VAL A 282 1.51 -14.17 19.64
N ILE A 283 2.39 -14.67 18.79
CA ILE A 283 3.61 -13.95 18.45
C ILE A 283 3.51 -13.55 17.01
N MET A 284 3.44 -12.26 16.85
CA MET A 284 3.32 -11.62 15.55
C MET A 284 4.70 -11.21 15.04
N THR A 285 4.90 -11.51 13.78
CA THR A 285 6.11 -11.11 13.05
C THR A 285 5.66 -10.33 11.83
N LEU A 286 6.10 -9.09 11.79
CA LEU A 286 5.72 -8.16 10.72
C LEU A 286 6.95 -7.58 10.04
N ALA A 287 6.71 -7.15 8.81
CA ALA A 287 7.74 -6.54 7.95
C ALA A 287 7.26 -5.17 7.48
N VAL A 288 8.23 -4.32 7.23
CA VAL A 288 8.00 -2.96 6.74
C VAL A 288 9.20 -2.54 5.89
N THR A 289 8.91 -2.25 4.63
CA THR A 289 9.92 -1.83 3.65
C THR A 289 9.72 -0.33 3.35
N ARG A 290 10.80 0.42 3.46
CA ARG A 290 10.76 1.88 3.24
C ARG A 290 12.03 2.40 2.56
N PHE A 291 11.85 3.57 1.95
CA PHE A 291 12.91 4.33 1.27
C PHE A 291 13.14 5.65 2.01
N PRO A 292 14.37 6.18 2.08
CA PRO A 292 14.59 7.46 2.75
C PRO A 292 13.71 8.53 2.11
N PRO A 293 13.09 9.45 2.88
CA PRO A 293 12.16 10.46 2.33
C PRO A 293 12.82 11.47 1.41
N THR A 294 13.29 11.02 0.26
CA THR A 294 13.93 11.93 -0.71
C THR A 294 12.90 12.50 -1.70
N HIS A 295 12.59 13.77 -1.53
CA HIS A 295 11.67 14.49 -2.42
C HIS A 295 12.51 15.19 -3.50
N GLU A 296 11.92 15.29 -4.67
CA GLU A 296 12.60 15.87 -5.84
C GLU A 296 12.50 17.40 -5.86
N MET A 297 11.86 17.98 -4.86
CA MET A 297 11.66 19.46 -4.86
C MET A 297 11.88 20.13 -3.49
N GLU A 298 12.53 19.45 -2.57
CA GLU A 298 12.80 20.04 -1.24
C GLU A 298 13.97 21.02 -1.35
N MET A 299 13.76 22.21 -0.79
CA MET A 299 14.78 23.27 -0.77
C MET A 299 15.26 23.54 0.66
N HIS A 300 16.52 23.97 0.76
CA HIS A 300 17.12 24.34 2.06
C HIS A 300 16.36 25.54 2.61
N TYR A 301 15.86 25.37 3.81
CA TYR A 301 15.04 26.39 4.48
C TYR A 301 15.57 27.81 4.23
N LEU A 302 16.84 28.01 4.52
CA LEU A 302 17.50 29.33 4.39
C LEU A 302 17.47 29.86 2.95
N VAL A 303 17.37 28.94 2.00
CA VAL A 303 17.39 29.28 0.57
C VAL A 303 15.98 29.47 0.01
N GLY A 304 14.98 29.04 0.78
CA GLY A 304 13.56 29.07 0.36
C GLY A 304 12.78 30.20 1.05
N LYS A 305 13.33 30.67 2.14
CA LYS A 305 12.75 31.76 2.93
C LYS A 305 13.56 33.00 2.47
N GLU A 306 12.88 33.98 1.90
CA GLU A 306 13.56 35.09 1.18
C GLU A 306 14.47 36.00 2.04
N ASN A 307 13.94 36.87 2.87
CA ASN A 307 14.82 37.79 3.63
C ASN A 307 15.39 37.10 4.87
N LEU A 308 16.71 37.04 4.89
CA LEU A 308 17.45 36.42 5.98
C LEU A 308 17.78 37.46 7.05
N THR A 309 17.22 37.21 8.23
CA THR A 309 17.41 38.07 9.41
C THR A 309 18.59 37.54 10.22
N TYR A 310 18.98 38.30 11.21
CA TYR A 310 20.12 37.95 12.07
C TYR A 310 19.85 36.61 12.78
N THR A 311 18.61 36.43 13.16
CA THR A 311 18.17 35.23 13.90
C THR A 311 18.28 33.96 13.06
N ASP A 312 18.05 34.09 11.75
CA ASP A 312 18.06 32.93 10.84
C ASP A 312 19.47 32.50 10.39
N ILE A 313 20.34 33.49 10.22
CA ILE A 313 21.67 33.26 9.60
C ILE A 313 22.88 33.21 10.56
N ALA A 314 22.79 33.85 11.71
CA ALA A 314 23.96 33.98 12.62
C ALA A 314 24.19 32.75 13.54
N CYS A 315 23.11 32.06 13.86
CA CYS A 315 23.14 30.90 14.79
C CYS A 315 23.71 31.32 16.14
N ASP A 316 23.15 32.41 16.63
CA ASP A 316 23.50 32.97 17.94
C ASP A 316 23.01 31.99 19.00
N PRO A 317 23.89 31.47 19.86
CA PRO A 317 23.49 30.46 20.83
C PRO A 317 22.38 30.93 21.72
N ALA A 318 22.55 32.14 22.22
CA ALA A 318 21.60 32.76 23.15
C ALA A 318 20.17 32.79 22.58
N LEU A 319 20.09 33.07 21.29
CA LEU A 319 18.80 33.19 20.59
C LEU A 319 18.12 31.82 20.42
N MET A 320 18.79 30.94 19.71
CA MET A 320 18.29 29.59 19.42
C MET A 320 17.91 28.84 20.70
N ALA A 321 18.71 29.07 21.71
CA ALA A 321 18.55 28.40 22.99
C ALA A 321 17.45 29.05 23.85
N ASN A 322 16.69 29.98 23.32
CA ASN A 322 15.77 30.71 24.21
C ASN A 322 14.47 31.28 23.55
N LEU A 323 14.10 30.96 22.31
CA LEU A 323 12.78 31.47 21.83
C LEU A 323 11.85 30.31 21.45
N PRO A 324 10.52 30.58 21.30
CA PRO A 324 9.52 29.54 21.04
C PRO A 324 9.74 28.79 19.76
N PRO A 325 9.10 27.61 19.59
CA PRO A 325 9.23 26.87 18.33
C PRO A 325 8.72 27.74 17.22
N ARG A 326 9.31 27.58 16.06
CA ARG A 326 8.96 28.40 14.87
C ARG A 326 7.97 27.65 13.97
N GLU A 327 6.90 28.36 13.65
CA GLU A 327 5.87 27.82 12.74
C GLU A 327 6.23 28.20 11.32
N VAL A 328 6.39 27.17 10.54
CA VAL A 328 6.79 27.28 9.14
C VAL A 328 5.73 26.60 8.25
N SER A 329 5.86 26.80 6.95
CA SER A 329 4.91 26.22 5.97
C SER A 329 5.66 25.36 4.96
N LEU A 330 4.90 24.44 4.41
CA LEU A 330 5.41 23.54 3.38
C LEU A 330 6.07 24.38 2.28
N LYS A 331 5.91 25.69 2.44
CA LYS A 331 6.37 26.68 1.45
C LYS A 331 7.80 27.18 1.66
N GLU A 332 8.35 26.92 2.80
CA GLU A 332 9.71 27.37 3.06
C GLU A 332 10.67 26.20 2.86
N PHE A 333 10.10 25.14 2.31
CA PHE A 333 10.82 23.88 2.15
C PHE A 333 10.60 23.19 0.80
N PHE A 334 9.49 23.52 0.17
CA PHE A 334 9.13 22.92 -1.13
C PHE A 334 8.82 24.07 -2.11
N HIS A 335 9.30 23.89 -3.33
CA HIS A 335 9.33 24.95 -4.37
C HIS A 335 7.98 25.50 -4.91
N SER A 336 6.86 24.90 -4.61
CA SER A 336 5.59 25.41 -5.17
C SER A 336 4.50 25.47 -4.09
N SER A 337 4.79 24.67 -3.10
CA SER A 337 3.94 24.40 -1.93
C SER A 337 3.26 25.64 -1.35
N PRO A 338 2.00 25.45 -0.90
CA PRO A 338 1.18 26.51 -0.34
C PRO A 338 1.75 27.08 0.93
N ASP A 339 1.62 28.39 0.99
CA ASP A 339 2.05 29.20 2.12
C ASP A 339 1.30 28.73 3.40
N SER A 340 0.13 28.13 3.15
CA SER A 340 -0.88 27.76 4.19
C SER A 340 -0.60 26.47 5.00
N ALA A 341 0.00 25.45 4.41
CA ALA A 341 0.26 24.17 5.17
C ALA A 341 1.45 24.36 6.12
N LYS A 342 1.14 24.53 7.40
CA LYS A 342 2.14 24.82 8.45
C LYS A 342 2.55 23.61 9.28
N PHE A 343 3.65 23.83 9.99
CA PHE A 343 4.23 22.88 10.95
C PHE A 343 5.29 23.62 11.79
N LYS A 344 5.41 23.16 13.03
CA LYS A 344 6.31 23.77 14.01
C LYS A 344 7.65 23.03 14.08
N ILE A 345 8.66 23.86 13.92
CA ILE A 345 10.06 23.45 13.90
C ILE A 345 10.80 24.13 15.06
N ALA A 346 11.91 23.53 15.45
CA ALA A 346 12.76 24.07 16.52
C ALA A 346 13.68 25.13 15.91
N GLU A 347 13.77 26.26 16.58
CA GLU A 347 14.63 27.36 16.09
C GLU A 347 16.05 26.83 15.89
N GLY A 348 16.57 27.12 14.71
CA GLY A 348 17.94 26.75 14.31
C GLY A 348 18.01 25.30 13.82
N GLN A 349 16.84 24.70 13.62
CA GLN A 349 16.77 23.31 13.13
C GLN A 349 17.44 23.18 11.78
N TRP A 350 17.40 24.27 11.03
CA TRP A 350 17.97 24.31 9.68
C TRP A 350 19.51 24.22 9.73
N TYR A 351 20.06 24.38 10.92
CA TYR A 351 21.53 24.34 11.13
C TYR A 351 22.00 23.03 11.75
N ARG A 352 21.07 22.17 12.04
CA ARG A 352 21.40 20.88 12.63
C ARG A 352 21.26 19.80 11.59
N THR A 353 20.86 20.24 10.41
CA THR A 353 20.52 19.32 9.34
C THR A 353 20.80 19.83 7.93
N GLN A 354 20.56 18.89 7.02
CA GLN A 354 20.75 19.08 5.59
C GLN A 354 19.84 18.14 4.75
N PRO A 355 18.94 18.68 3.89
CA PRO A 355 18.13 17.85 3.01
C PRO A 355 18.98 17.23 1.96
N ASP A 356 18.46 16.16 1.38
CA ASP A 356 19.11 15.53 0.24
C ASP A 356 18.78 16.42 -0.95
N ARG A 357 19.60 16.39 -1.95
CA ARG A 357 19.39 17.25 -3.10
C ARG A 357 19.39 16.45 -4.40
N VAL A 358 18.32 16.67 -5.15
CA VAL A 358 18.05 16.02 -6.43
C VAL A 358 17.91 17.07 -7.55
N ALA A 359 18.83 17.01 -8.49
CA ALA A 359 18.83 17.91 -9.65
C ALA A 359 17.49 17.79 -10.41
N PHE A 360 17.02 18.92 -10.93
CA PHE A 360 15.75 19.03 -11.71
C PHE A 360 15.70 17.99 -12.82
N PRO A 361 16.86 17.61 -13.38
CA PRO A 361 16.91 16.68 -14.49
C PRO A 361 16.27 15.36 -14.13
N TYR A 362 16.16 15.14 -12.85
CA TYR A 362 15.57 13.91 -12.30
C TYR A 362 14.03 13.91 -12.21
N ASN A 363 13.49 14.97 -11.65
CA ASN A 363 12.02 15.09 -11.36
C ASN A 363 11.13 14.75 -12.58
N ALA A 364 11.75 14.36 -13.68
CA ALA A 364 11.04 13.97 -14.91
C ALA A 364 11.42 12.54 -15.28
N LEU A 365 11.76 11.76 -14.26
CA LEU A 365 12.26 10.41 -14.51
C LEU A 365 11.73 9.30 -13.61
N ASP A 366 11.06 8.37 -14.25
CA ASP A 366 10.49 7.23 -13.54
C ASP A 366 11.49 6.08 -13.55
N GLY A 367 11.75 5.60 -12.34
CA GLY A 367 12.68 4.50 -12.09
C GLY A 367 13.52 4.80 -10.84
N PHE A 368 13.31 6.00 -10.30
CA PHE A 368 14.06 6.50 -9.12
C PHE A 368 13.18 6.50 -7.86
N PRO A 369 13.53 5.68 -6.85
CA PRO A 369 12.79 5.61 -5.60
C PRO A 369 12.86 6.90 -4.82
N PHE A 370 12.34 7.96 -5.41
CA PHE A 370 12.27 9.29 -4.77
C PHE A 370 10.82 9.77 -4.74
N TYR A 371 10.62 10.81 -3.94
CA TYR A 371 9.31 11.46 -3.80
C TYR A 371 9.17 12.54 -4.87
N SER A 372 8.34 12.26 -5.85
CA SER A 372 8.10 13.19 -6.96
C SER A 372 7.15 14.30 -6.53
N ALA A 373 5.93 13.86 -6.30
CA ALA A 373 4.82 14.72 -5.88
C ALA A 373 5.25 15.64 -4.74
N LEU A 374 4.36 16.59 -4.47
CA LEU A 374 4.54 17.55 -3.38
C LEU A 374 4.04 16.92 -2.09
N PRO A 375 4.40 17.43 -0.90
CA PRO A 375 3.94 16.84 0.33
C PRO A 375 2.44 16.84 0.36
N SER A 376 1.91 16.51 1.52
CA SER A 376 0.46 16.49 1.74
C SER A 376 0.10 17.56 2.77
N THR A 377 -0.41 18.64 2.24
CA THR A 377 -0.81 19.80 3.04
C THR A 377 -0.94 19.40 4.53
N ASP A 378 -1.64 18.30 4.78
CA ASP A 378 -1.94 17.77 6.15
C ASP A 378 -0.69 17.20 6.85
N LEU A 379 -0.60 17.46 8.15
CA LEU A 379 0.53 16.97 8.96
C LEU A 379 0.63 15.44 8.84
N LYS A 380 -0.23 14.76 9.58
CA LYS A 380 -0.26 13.29 9.59
C LYS A 380 0.22 12.72 8.25
N ASP A 381 -0.72 12.72 7.32
CA ASP A 381 -0.55 12.17 5.96
C ASP A 381 0.85 12.42 5.35
N ARG A 382 1.37 13.62 5.54
CA ARG A 382 2.68 14.02 4.96
C ARG A 382 3.87 13.56 5.83
N VAL A 383 3.57 12.70 6.78
CA VAL A 383 4.61 12.11 7.66
C VAL A 383 4.54 10.62 7.46
N LEU A 384 3.47 10.01 7.91
CA LEU A 384 3.28 8.61 7.59
C LEU A 384 3.42 8.59 6.07
N VAL A 385 4.37 7.82 5.60
CA VAL A 385 4.76 7.74 4.18
C VAL A 385 3.59 7.64 3.17
N ASN A 386 3.82 8.29 2.01
CA ASN A 386 2.88 8.32 0.84
C ASN A 386 3.33 7.29 -0.20
N THR A 387 3.07 6.05 0.16
CA THR A 387 3.43 4.85 -0.62
C THR A 387 3.30 5.05 -2.13
N ASN A 388 2.08 5.33 -2.54
CA ASN A 388 1.70 5.48 -3.95
C ASN A 388 2.74 6.21 -4.80
N ASN A 389 3.51 7.09 -4.20
CA ASN A 389 4.51 7.84 -4.97
C ASN A 389 5.73 6.97 -5.30
N TYR A 390 5.49 5.68 -5.36
CA TYR A 390 6.55 4.71 -5.67
C TYR A 390 6.06 3.74 -6.76
N ASP A 391 4.83 3.93 -7.14
CA ASP A 391 4.17 3.10 -8.17
C ASP A 391 4.90 3.22 -9.51
N GLU A 392 5.41 4.41 -9.75
CA GLU A 392 6.09 4.76 -11.00
C GLU A 392 7.54 4.24 -11.07
N ILE A 393 8.05 3.77 -9.94
CA ILE A 393 9.45 3.30 -9.86
C ILE A 393 9.63 1.88 -10.40
N PHE A 394 8.57 1.07 -10.33
CA PHE A 394 8.60 -0.33 -10.83
C PHE A 394 8.04 -0.47 -12.28
N GLN A 395 8.40 -1.60 -12.90
CA GLN A 395 8.02 -1.99 -14.29
C GLN A 395 6.55 -2.44 -14.35
N SER A 396 6.40 -3.75 -14.17
CA SER A 396 5.09 -4.42 -14.07
C SER A 396 5.04 -5.04 -12.69
N MET A 397 3.87 -5.20 -12.15
CA MET A 397 3.80 -5.74 -10.80
C MET A 397 2.41 -6.23 -10.41
N GLN A 398 2.38 -7.53 -10.18
CA GLN A 398 1.21 -8.22 -9.66
C GLN A 398 1.64 -8.87 -8.33
N LEU A 399 2.89 -8.52 -7.96
CA LEU A 399 3.61 -8.95 -6.71
C LEU A 399 3.98 -7.72 -5.92
N ALA A 400 3.02 -6.82 -5.97
CA ALA A 400 3.08 -5.52 -5.29
C ALA A 400 4.40 -4.80 -5.63
N HIS A 401 4.89 -4.14 -4.61
CA HIS A 401 6.13 -3.37 -4.67
C HIS A 401 7.32 -4.26 -4.26
N TRP A 402 7.08 -5.16 -3.31
CA TRP A 402 8.12 -6.08 -2.82
C TRP A 402 7.53 -7.44 -2.45
N ASN A 403 8.33 -8.47 -2.71
CA ASN A 403 7.97 -9.87 -2.42
C ASN A 403 9.10 -10.55 -1.64
N MET A 404 8.71 -11.49 -0.81
CA MET A 404 9.63 -12.22 0.09
C MET A 404 9.33 -13.71 0.14
N GLN A 405 10.41 -14.48 0.17
CA GLN A 405 10.38 -15.95 0.29
C GLN A 405 11.28 -16.37 1.44
N THR A 406 10.66 -16.69 2.56
CA THR A 406 11.42 -17.05 3.77
C THR A 406 10.91 -18.35 4.41
N LYS A 407 11.88 -19.01 5.03
CA LYS A 407 11.65 -20.25 5.77
C LYS A 407 11.77 -19.94 7.26
N PHE A 408 10.61 -19.94 7.89
CA PHE A 408 10.50 -19.65 9.33
C PHE A 408 10.77 -20.90 10.14
N ASN A 409 12.01 -21.01 10.58
CA ASN A 409 12.46 -22.12 11.41
C ASN A 409 12.15 -21.83 12.87
N ILE A 410 11.04 -22.37 13.33
CA ILE A 410 10.62 -22.20 14.73
C ILE A 410 10.85 -23.49 15.50
N ASN A 411 11.01 -23.31 16.79
CA ASN A 411 11.23 -24.41 17.72
C ASN A 411 10.64 -24.04 19.08
N VAL A 412 9.61 -24.79 19.43
CA VAL A 412 8.88 -24.61 20.68
C VAL A 412 9.05 -25.85 21.57
N TYR A 413 9.38 -25.56 22.82
CA TYR A 413 9.56 -26.60 23.85
C TYR A 413 8.40 -26.52 24.83
N ARG A 414 7.62 -27.57 24.83
CA ARG A 414 6.41 -27.67 25.66
C ARG A 414 6.48 -28.87 26.61
N HIS A 415 5.27 -29.27 26.97
CA HIS A 415 4.96 -30.41 27.86
C HIS A 415 3.74 -31.13 27.28
N MET A 416 3.81 -31.33 25.96
CA MET A 416 2.69 -31.85 25.14
C MET A 416 2.43 -33.31 25.32
N PRO A 417 1.20 -33.68 24.99
CA PRO A 417 0.75 -35.03 25.15
C PRO A 417 1.71 -35.86 24.31
N THR A 418 1.34 -36.06 23.07
CA THR A 418 2.14 -36.82 22.08
C THR A 418 1.16 -37.22 20.97
N THR A 419 1.66 -37.60 19.81
CA THR A 419 0.75 -37.88 18.69
C THR A 419 -0.05 -39.19 18.86
N ARG A 420 0.56 -40.17 19.48
CA ARG A 420 -0.06 -41.50 19.64
C ARG A 420 -0.92 -41.62 20.91
N ASP A 421 -0.59 -40.81 21.90
CA ASP A 421 -1.27 -40.85 23.21
C ASP A 421 -2.57 -40.03 23.21
N SER A 422 -2.80 -39.33 22.13
CA SER A 422 -4.01 -38.50 21.98
C SER A 422 -5.06 -39.24 21.14
N ILE A 423 -4.54 -40.00 20.20
CA ILE A 423 -5.36 -40.82 19.29
C ILE A 423 -5.49 -42.24 19.81
N MET A 424 -4.96 -42.41 20.99
CA MET A 424 -4.94 -43.69 21.67
C MET A 424 -5.88 -43.62 22.92
N THR A 425 -7.21 -43.74 22.66
CA THR A 425 -8.31 -43.68 23.68
C THR A 425 -7.87 -44.35 25.00
N SER A 426 -7.16 -45.40 24.76
CA SER A 426 -6.40 -46.22 25.72
C SER A 426 -6.98 -46.67 27.06
N MET B 1 12.00 -22.04 -41.48
CA MET B 1 12.19 -20.89 -40.60
C MET B 1 11.64 -21.17 -39.22
N PHE B 2 12.18 -20.45 -38.27
CA PHE B 2 11.73 -20.54 -36.89
C PHE B 2 10.30 -20.06 -36.85
N GLN B 3 9.61 -20.53 -35.85
CA GLN B 3 8.21 -20.18 -35.65
C GLN B 3 8.08 -18.98 -34.74
N LYS B 4 7.29 -18.02 -35.19
CA LYS B 4 6.97 -16.84 -34.38
C LYS B 4 6.06 -17.32 -33.26
N PHE B 5 6.45 -17.02 -32.04
CA PHE B 5 5.71 -17.46 -30.86
C PHE B 5 5.18 -16.27 -30.06
N ILE B 6 5.05 -15.16 -30.75
CA ILE B 6 4.53 -13.92 -30.15
C ILE B 6 3.37 -13.40 -31.01
N SER B 7 2.30 -13.08 -30.32
CA SER B 7 1.08 -12.56 -30.96
C SER B 7 0.53 -11.37 -30.17
N LYS B 8 -0.21 -10.58 -30.90
CA LYS B 8 -0.83 -9.36 -30.40
C LYS B 8 -2.17 -9.65 -29.71
N HIS B 9 -2.81 -10.72 -30.18
CA HIS B 9 -4.10 -11.14 -29.62
C HIS B 9 -4.17 -12.66 -29.46
N ASN B 10 -4.18 -13.04 -28.20
CA ASN B 10 -4.27 -14.44 -27.74
C ASN B 10 -5.67 -14.66 -27.17
N ALA B 11 -6.59 -14.90 -28.08
CA ALA B 11 -8.01 -15.11 -27.76
C ALA B 11 -8.20 -16.23 -26.74
N PRO B 12 -9.27 -16.22 -25.93
CA PRO B 12 -9.50 -17.31 -25.00
C PRO B 12 -9.56 -18.54 -25.83
N ILE B 13 -9.44 -19.70 -25.22
CA ILE B 13 -9.45 -20.94 -26.01
C ILE B 13 -10.84 -21.24 -26.58
N ASN B 14 -11.87 -20.65 -25.95
CA ASN B 14 -13.31 -20.91 -26.29
C ASN B 14 -14.07 -19.67 -26.86
N SER B 15 -15.07 -19.95 -27.73
CA SER B 15 -15.90 -18.91 -28.43
C SER B 15 -17.37 -19.18 -28.18
N THR B 16 -18.07 -18.11 -27.96
CA THR B 16 -19.50 -18.17 -27.69
C THR B 16 -20.29 -17.61 -28.86
N GLN B 17 -21.05 -18.49 -29.45
CA GLN B 17 -21.90 -18.16 -30.58
C GLN B 17 -22.99 -17.19 -30.18
N LEU B 18 -23.02 -16.15 -30.96
CA LEU B 18 -23.99 -15.10 -30.85
C LEU B 18 -24.92 -15.17 -32.02
N ALA B 19 -26.01 -14.55 -31.78
CA ALA B 19 -27.10 -14.43 -32.71
C ALA B 19 -28.11 -13.57 -32.02
N ALA B 20 -28.13 -12.34 -32.44
CA ALA B 20 -29.02 -11.37 -31.85
C ALA B 20 -28.85 -10.03 -32.51
N THR B 21 -29.97 -9.61 -33.03
CA THR B 21 -30.10 -8.33 -33.68
C THR B 21 -29.75 -7.25 -32.67
N LYS B 22 -29.54 -6.08 -33.19
CA LYS B 22 -29.22 -4.91 -32.39
C LYS B 22 -29.59 -3.63 -33.20
N THR B 23 -29.56 -2.48 -32.49
CA THR B 23 -29.87 -1.11 -33.06
C THR B 23 -28.69 -0.23 -32.70
N PRO B 24 -27.67 -0.18 -33.54
CA PRO B 24 -26.40 0.47 -33.21
C PRO B 24 -26.39 1.99 -33.10
N ALA B 25 -27.07 2.61 -32.16
CA ALA B 25 -27.02 4.12 -32.06
C ALA B 25 -25.71 4.59 -31.37
N VAL B 26 -25.59 5.93 -31.20
CA VAL B 26 -24.41 6.58 -30.52
C VAL B 26 -24.21 5.90 -29.18
N ALA B 27 -25.30 5.91 -28.42
CA ALA B 27 -25.36 5.23 -27.14
C ALA B 27 -25.22 3.74 -27.44
N ALA B 28 -24.25 3.51 -28.32
CA ALA B 28 -23.88 2.19 -28.85
C ALA B 28 -24.27 1.07 -27.90
N PRO B 29 -25.23 0.21 -28.28
CA PRO B 29 -25.64 -0.91 -27.43
C PRO B 29 -24.50 -1.86 -27.21
N VAL B 30 -24.83 -2.95 -26.54
CA VAL B 30 -23.89 -4.06 -26.23
C VAL B 30 -24.36 -5.33 -26.93
N LEU B 31 -23.45 -5.87 -27.73
CA LEU B 31 -23.68 -7.06 -28.57
C LEU B 31 -24.06 -8.29 -27.74
N SER B 32 -23.09 -8.75 -26.99
CA SER B 32 -23.21 -9.92 -26.12
C SER B 32 -22.95 -9.53 -24.66
N VAL B 33 -23.73 -10.17 -23.80
CA VAL B 33 -23.61 -9.94 -22.35
C VAL B 33 -22.15 -10.06 -21.97
N PRO B 34 -21.61 -9.05 -21.30
CA PRO B 34 -20.20 -9.02 -20.96
C PRO B 34 -19.77 -10.15 -20.09
N ASN B 35 -18.72 -10.79 -20.56
CA ASN B 35 -18.04 -11.83 -19.80
C ASN B 35 -17.11 -11.17 -18.79
N LEU B 36 -15.99 -11.81 -18.48
CA LEU B 36 -15.08 -11.27 -17.46
C LEU B 36 -13.70 -10.84 -18.00
N SER B 37 -12.92 -11.67 -18.61
CA SER B 37 -11.63 -11.13 -19.06
C SER B 37 -11.37 -11.40 -20.53
N ARG B 38 -12.12 -12.31 -21.08
CA ARG B 38 -11.99 -12.62 -22.50
C ARG B 38 -13.13 -13.46 -22.99
N SER B 39 -13.47 -13.10 -24.19
CA SER B 39 -14.50 -13.74 -24.95
C SER B 39 -14.18 -13.51 -26.40
N THR B 40 -14.96 -14.15 -27.19
CA THR B 40 -14.84 -14.10 -28.63
C THR B 40 -16.18 -14.54 -29.18
N ILE B 41 -16.85 -13.55 -29.73
CA ILE B 41 -18.19 -13.72 -30.26
C ILE B 41 -18.20 -13.70 -31.81
N LEU B 42 -19.12 -14.47 -32.34
CA LEU B 42 -19.36 -14.58 -33.79
C LEU B 42 -20.83 -14.62 -34.03
N ILE B 43 -21.31 -13.44 -33.77
CA ILE B 43 -22.72 -13.11 -33.78
C ILE B 43 -23.21 -12.62 -35.10
N ASN B 44 -23.49 -13.49 -36.03
CA ASN B 44 -24.09 -12.92 -37.19
C ASN B 44 -24.89 -11.76 -36.61
N ALA B 45 -24.26 -10.62 -36.56
CA ALA B 45 -24.92 -9.43 -36.04
C ALA B 45 -25.93 -8.96 -37.07
N THR B 46 -27.10 -8.64 -36.59
CA THR B 46 -28.12 -8.03 -37.46
C THR B 46 -28.14 -6.56 -37.07
N THR B 47 -28.11 -5.68 -38.05
CA THR B 47 -27.95 -4.24 -37.75
C THR B 47 -28.92 -3.27 -38.43
N THR B 48 -29.93 -2.84 -37.72
CA THR B 48 -30.92 -1.86 -38.23
C THR B 48 -30.12 -0.74 -38.81
N ALA B 49 -30.49 -0.31 -40.01
CA ALA B 49 -29.79 0.79 -40.72
C ALA B 49 -29.88 2.07 -39.90
N VAL B 50 -28.75 2.77 -39.78
CA VAL B 50 -28.66 4.01 -38.99
C VAL B 50 -27.66 5.00 -39.59
N THR B 51 -28.19 6.14 -40.04
CA THR B 51 -27.40 7.20 -40.70
C THR B 51 -27.24 8.35 -39.75
N THR B 52 -26.34 8.18 -38.81
CA THR B 52 -26.14 9.21 -37.82
C THR B 52 -24.82 9.14 -37.01
N HIS B 53 -23.90 8.32 -37.47
CA HIS B 53 -22.57 8.21 -36.84
C HIS B 53 -22.63 7.82 -35.34
N SER B 54 -23.29 6.70 -35.08
CA SER B 54 -23.40 6.10 -33.73
C SER B 54 -22.96 4.65 -33.86
N GLY B 55 -23.17 3.78 -32.87
CA GLY B 55 -22.71 2.41 -33.12
C GLY B 55 -22.91 1.32 -32.06
N LEU B 56 -22.64 0.08 -32.39
CA LEU B 56 -22.84 -0.98 -31.41
C LEU B 56 -21.50 -1.64 -31.04
N CYS B 57 -21.47 -2.07 -29.79
CA CYS B 57 -20.26 -2.57 -29.14
C CYS B 57 -20.25 -4.07 -28.84
N HIS B 58 -19.09 -4.37 -28.26
CA HIS B 58 -18.68 -5.67 -27.72
C HIS B 58 -17.35 -5.48 -26.99
N VAL B 59 -17.49 -5.52 -25.69
CA VAL B 59 -16.40 -5.39 -24.72
C VAL B 59 -16.60 -6.45 -23.65
N VAL B 60 -15.61 -6.57 -22.81
CA VAL B 60 -15.66 -7.48 -21.66
C VAL B 60 -15.61 -6.62 -20.42
N ARG B 61 -15.73 -7.25 -19.28
CA ARG B 61 -15.58 -6.53 -18.02
C ARG B 61 -14.26 -6.91 -17.39
N ILE B 62 -13.44 -5.91 -17.34
CA ILE B 62 -12.09 -5.99 -16.80
C ILE B 62 -12.13 -6.39 -15.31
N ASP B 63 -11.14 -7.17 -14.96
CA ASP B 63 -10.93 -7.64 -13.57
C ASP B 63 -10.17 -6.54 -12.79
N GLU B 64 -10.87 -5.97 -11.81
CA GLU B 64 -10.36 -4.84 -10.99
C GLU B 64 -9.49 -5.25 -9.81
N THR B 65 -8.57 -6.18 -9.95
CA THR B 65 -7.79 -6.58 -8.77
C THR B 65 -6.36 -7.00 -9.08
N ASN B 66 -5.51 -5.98 -9.16
CA ASN B 66 -4.05 -6.16 -9.32
C ASN B 66 -3.33 -4.85 -9.03
N PRO B 67 -2.34 -4.89 -8.15
CA PRO B 67 -1.60 -3.69 -7.80
C PRO B 67 -0.95 -2.99 -8.95
N THR B 68 -1.21 -3.46 -10.14
CA THR B 68 -0.69 -2.82 -11.36
C THR B 68 -1.84 -2.11 -12.07
N ASN B 69 -1.81 -0.79 -11.99
CA ASN B 69 -2.86 0.08 -12.54
C ASN B 69 -3.11 -0.11 -14.04
N HIS B 70 -2.04 -0.19 -14.80
CA HIS B 70 -2.12 -0.27 -16.28
C HIS B 70 -1.94 -1.72 -16.80
N HIS B 71 -2.98 -2.14 -17.52
CA HIS B 71 -3.06 -3.47 -18.16
C HIS B 71 -3.17 -3.31 -19.68
N ALA B 72 -2.90 -4.41 -20.36
CA ALA B 72 -2.95 -4.49 -21.84
C ALA B 72 -4.25 -5.18 -22.29
N LEU B 73 -4.98 -4.46 -23.12
CA LEU B 73 -6.25 -4.92 -23.69
C LEU B 73 -6.13 -5.08 -25.21
N SER B 74 -6.10 -6.33 -25.62
CA SER B 74 -5.96 -6.70 -27.03
C SER B 74 -7.30 -7.22 -27.58
N ILE B 75 -7.65 -6.66 -28.72
CA ILE B 75 -8.88 -7.01 -29.45
C ILE B 75 -8.54 -7.67 -30.82
N ALA B 76 -9.56 -8.06 -31.61
CA ALA B 76 -9.35 -8.68 -32.96
C ALA B 76 -10.67 -9.17 -33.61
N GLY B 77 -11.08 -8.50 -34.70
CA GLY B 77 -12.33 -8.85 -35.41
C GLY B 77 -12.10 -9.08 -36.91
N SER B 78 -13.14 -9.66 -37.48
CA SER B 78 -13.27 -9.95 -38.91
C SER B 78 -14.76 -10.00 -39.19
N LEU B 79 -15.23 -9.02 -39.92
CA LEU B 79 -16.67 -8.90 -40.18
C LEU B 79 -16.95 -8.68 -41.66
N SER B 80 -18.14 -9.13 -42.01
CA SER B 80 -18.69 -9.14 -43.37
C SER B 80 -19.94 -8.31 -43.46
N ASN B 81 -20.24 -7.93 -44.67
CA ASN B 81 -21.40 -7.12 -44.89
C ASN B 81 -21.31 -5.94 -43.98
N VAL B 82 -20.06 -5.59 -43.73
CA VAL B 82 -19.70 -4.42 -42.91
C VAL B 82 -19.66 -3.24 -43.86
N PRO B 83 -20.36 -2.15 -43.54
CA PRO B 83 -20.35 -0.98 -44.38
C PRO B 83 -18.89 -0.63 -44.52
N ALA B 84 -18.47 -0.31 -45.75
CA ALA B 84 -17.05 -0.04 -46.07
C ALA B 84 -16.57 1.30 -45.51
N ASP B 85 -17.02 1.53 -44.25
CA ASP B 85 -16.75 2.75 -43.44
C ASP B 85 -16.32 2.37 -42.03
N MET B 86 -16.34 1.09 -41.79
CA MET B 86 -16.05 0.51 -40.48
C MET B 86 -14.67 0.87 -39.93
N ILE B 87 -14.75 1.46 -38.76
CA ILE B 87 -13.60 1.84 -37.92
C ILE B 87 -13.84 1.20 -36.59
N ALA B 88 -12.86 0.49 -36.18
CA ALA B 88 -12.91 -0.16 -34.92
C ALA B 88 -11.89 0.48 -34.02
N PHE B 89 -12.32 1.45 -33.31
CA PHE B 89 -11.46 1.97 -32.30
C PHE B 89 -11.84 1.16 -31.06
N ALA B 90 -11.05 1.29 -30.04
CA ALA B 90 -11.31 0.56 -28.80
C ALA B 90 -11.95 1.49 -27.80
N ILE B 91 -12.20 0.98 -26.61
CA ILE B 91 -12.84 1.81 -25.60
C ILE B 91 -12.80 1.22 -24.19
N ARG B 92 -13.17 2.13 -23.30
CA ARG B 92 -13.17 1.94 -21.87
C ARG B 92 -14.12 2.95 -21.21
N PHE B 93 -14.81 2.45 -20.22
CA PHE B 93 -15.75 3.24 -19.43
C PHE B 93 -15.99 2.57 -18.10
N GLU B 94 -16.35 3.39 -17.15
CA GLU B 94 -16.63 2.95 -15.79
C GLU B 94 -18.07 3.22 -15.46
N VAL B 95 -18.80 2.15 -15.29
CA VAL B 95 -20.19 2.23 -14.85
C VAL B 95 -20.14 2.17 -13.31
N ALA B 96 -21.26 2.39 -12.62
CA ALA B 96 -21.28 2.27 -11.14
C ALA B 96 -20.83 0.84 -10.81
N ASP B 97 -20.45 0.55 -9.58
CA ASP B 97 -19.91 -0.81 -9.23
C ASP B 97 -21.02 -1.83 -9.00
N GLY B 98 -20.83 -2.95 -9.68
CA GLY B 98 -21.72 -4.12 -9.59
C GLY B 98 -22.75 -4.16 -10.72
N VAL B 99 -22.85 -3.01 -11.42
CA VAL B 99 -23.83 -2.76 -12.52
C VAL B 99 -23.36 -3.34 -13.86
N VAL B 100 -24.33 -3.87 -14.60
CA VAL B 100 -24.06 -4.52 -15.89
C VAL B 100 -24.55 -3.65 -17.05
N PRO B 101 -23.62 -3.15 -17.88
CA PRO B 101 -23.97 -2.30 -19.01
C PRO B 101 -24.81 -3.02 -20.03
N THR B 102 -25.55 -2.20 -20.75
CA THR B 102 -26.41 -2.62 -21.88
C THR B 102 -26.06 -1.74 -23.06
N ALA B 103 -25.01 -0.98 -22.81
CA ALA B 103 -24.44 -0.01 -23.77
C ALA B 103 -23.58 1.00 -23.01
N VAL B 104 -22.65 1.57 -23.76
CA VAL B 104 -21.67 2.53 -23.24
C VAL B 104 -22.29 3.88 -22.86
N PRO B 105 -21.98 4.46 -21.67
CA PRO B 105 -22.46 5.79 -21.34
C PRO B 105 -21.88 6.80 -22.31
N ALA B 106 -22.21 8.06 -22.05
CA ALA B 106 -21.72 9.21 -22.82
C ALA B 106 -20.27 9.43 -22.50
N LEU B 107 -19.87 8.66 -21.50
CA LEU B 107 -18.55 8.77 -20.96
C LEU B 107 -17.71 7.55 -21.09
N TYR B 108 -16.93 7.65 -22.14
CA TYR B 108 -15.93 6.69 -22.45
C TYR B 108 -14.69 7.29 -23.17
N ASP B 109 -13.58 6.54 -23.04
CA ASP B 109 -12.24 6.88 -23.62
C ASP B 109 -12.04 6.04 -24.86
N VAL B 110 -11.29 6.58 -25.79
CA VAL B 110 -10.96 5.88 -27.03
C VAL B 110 -9.45 5.77 -27.18
N TYR B 111 -9.09 4.73 -27.86
CA TYR B 111 -7.70 4.40 -28.16
C TYR B 111 -7.62 3.86 -29.58
N PRO B 112 -7.02 4.58 -30.55
CA PRO B 112 -6.96 4.09 -31.92
C PRO B 112 -6.10 2.87 -32.06
N ILE B 113 -6.31 2.14 -33.12
CA ILE B 113 -5.49 0.95 -33.45
C ILE B 113 -5.30 0.94 -34.96
N GLU B 114 -5.07 -0.28 -35.45
CA GLU B 114 -4.83 -0.56 -36.89
C GLU B 114 -5.95 -1.44 -37.46
N THR B 115 -7.01 -0.76 -37.84
CA THR B 115 -8.16 -1.39 -38.48
C THR B 115 -8.06 -1.18 -39.98
N PHE B 116 -8.33 -2.24 -40.70
CA PHE B 116 -8.32 -2.22 -42.16
C PHE B 116 -9.63 -2.75 -42.67
N ASN B 117 -10.25 -1.95 -43.50
CA ASN B 117 -11.50 -2.34 -44.12
C ASN B 117 -11.40 -2.18 -45.61
N ASN B 118 -11.93 -3.18 -46.25
CA ASN B 118 -11.98 -3.25 -47.70
C ASN B 118 -13.32 -2.74 -48.17
N GLY B 119 -14.18 -3.68 -48.44
CA GLY B 119 -15.50 -3.35 -48.95
C GLY B 119 -16.57 -3.74 -47.98
N LYS B 120 -16.58 -5.02 -47.75
CA LYS B 120 -17.61 -5.61 -46.96
C LYS B 120 -17.03 -6.38 -45.76
N ALA B 121 -15.72 -6.32 -45.61
CA ALA B 121 -15.05 -7.02 -44.49
C ALA B 121 -13.99 -6.17 -43.83
N ILE B 122 -13.86 -6.38 -42.55
CA ILE B 122 -12.89 -5.66 -41.73
C ILE B 122 -12.35 -6.56 -40.63
N SER B 123 -11.09 -6.33 -40.38
CA SER B 123 -10.36 -7.05 -39.36
C SER B 123 -9.41 -6.12 -38.65
N PHE B 124 -8.88 -6.69 -37.61
CA PHE B 124 -7.91 -6.04 -36.76
C PHE B 124 -7.37 -6.96 -35.71
N LYS B 125 -6.23 -6.51 -35.26
CA LYS B 125 -5.41 -7.14 -34.26
C LYS B 125 -4.39 -6.12 -33.79
N ASP B 126 -4.66 -5.57 -32.63
CA ASP B 126 -3.79 -4.55 -32.04
C ASP B 126 -3.85 -4.65 -30.52
N ALA B 127 -3.09 -3.78 -29.90
CA ALA B 127 -2.99 -3.73 -28.45
C ALA B 127 -3.00 -2.28 -27.98
N VAL B 128 -3.83 -2.09 -26.97
CA VAL B 128 -4.03 -0.82 -26.31
C VAL B 128 -3.82 -1.02 -24.82
N THR B 129 -3.09 -0.10 -24.22
CA THR B 129 -2.79 -0.12 -22.78
C THR B 129 -3.65 0.93 -22.07
N ILE B 130 -4.64 0.39 -21.39
CA ILE B 130 -5.66 1.13 -20.63
C ILE B 130 -5.33 1.07 -19.13
N ASP B 131 -6.01 1.89 -18.33
CA ASP B 131 -5.80 1.85 -16.85
C ASP B 131 -6.91 0.98 -16.21
N SER B 132 -6.41 0.03 -15.45
CA SER B 132 -7.18 -1.08 -14.87
C SER B 132 -8.02 -0.77 -13.60
N HIS B 133 -7.78 0.30 -12.89
CA HIS B 133 -8.56 0.50 -11.64
C HIS B 133 -9.75 1.41 -11.87
N PRO B 134 -10.81 1.24 -11.09
CA PRO B 134 -11.95 2.10 -11.23
C PRO B 134 -11.52 3.51 -10.96
N ARG B 135 -11.73 4.36 -11.94
CA ARG B 135 -11.35 5.77 -11.86
C ARG B 135 -12.07 6.46 -10.71
N THR B 136 -13.20 5.91 -10.35
CA THR B 136 -13.97 6.42 -9.22
C THR B 136 -14.33 5.20 -8.36
N VAL B 137 -14.35 5.47 -7.08
CA VAL B 137 -14.54 4.47 -6.01
C VAL B 137 -15.69 3.44 -6.25
N GLY B 138 -16.93 3.91 -6.21
CA GLY B 138 -18.15 3.04 -6.24
C GLY B 138 -18.46 2.28 -7.56
N ASN B 139 -17.70 2.53 -8.61
CA ASN B 139 -17.98 1.89 -9.94
C ASN B 139 -16.92 0.85 -10.31
N ASP B 140 -17.22 0.21 -11.44
CA ASP B 140 -16.36 -0.81 -12.09
C ASP B 140 -15.94 -0.26 -13.48
N VAL B 141 -15.04 -0.97 -14.14
CA VAL B 141 -14.54 -0.53 -15.46
C VAL B 141 -14.67 -1.65 -16.51
N TYR B 142 -15.24 -1.25 -17.65
CA TYR B 142 -15.47 -2.13 -18.81
C TYR B 142 -14.68 -1.63 -20.06
N ALA B 143 -14.33 -2.55 -20.97
CA ALA B 143 -13.56 -2.19 -22.20
C ALA B 143 -13.69 -3.26 -23.31
N GLY B 144 -13.63 -2.79 -24.57
CA GLY B 144 -13.73 -3.68 -25.73
C GLY B 144 -13.61 -2.93 -27.07
N ILE B 145 -14.26 -3.56 -28.05
CA ILE B 145 -14.30 -3.14 -29.46
C ILE B 145 -15.62 -2.43 -29.78
N MET B 146 -15.52 -1.46 -30.68
CA MET B 146 -16.68 -0.67 -31.14
C MET B 146 -16.55 -0.37 -32.62
N LEU B 147 -17.63 -0.76 -33.25
CA LEU B 147 -17.88 -0.57 -34.67
C LEU B 147 -18.62 0.77 -34.82
N TRP B 148 -18.03 1.62 -35.62
CA TRP B 148 -18.48 3.00 -35.84
C TRP B 148 -18.33 3.32 -37.33
N SER B 149 -19.39 3.89 -37.89
CA SER B 149 -19.46 4.32 -39.32
C SER B 149 -20.65 5.28 -39.48
N ASN B 150 -20.77 5.80 -40.69
CA ASN B 150 -21.85 6.74 -41.06
C ASN B 150 -23.19 6.02 -41.16
N ALA B 151 -23.26 5.30 -42.27
CA ALA B 151 -24.42 4.55 -42.70
C ALA B 151 -24.36 3.08 -42.27
N TRP B 152 -25.29 2.78 -41.39
CA TRP B 152 -25.53 1.43 -40.87
C TRP B 152 -26.88 0.96 -41.47
N THR B 153 -26.80 0.16 -42.52
CA THR B 153 -28.00 -0.30 -43.26
C THR B 153 -28.56 -1.64 -42.73
N ALA B 154 -29.66 -2.03 -43.39
CA ALA B 154 -30.41 -3.28 -43.11
C ALA B 154 -29.65 -4.43 -43.64
N SER B 155 -28.92 -5.01 -42.77
CA SER B 155 -28.06 -6.09 -43.14
C SER B 155 -27.59 -6.80 -41.91
N THR B 156 -27.39 -8.06 -42.11
CA THR B 156 -26.81 -8.89 -41.09
C THR B 156 -25.33 -8.99 -41.41
N ILE B 157 -24.57 -8.45 -40.51
CA ILE B 157 -23.12 -8.51 -40.61
C ILE B 157 -22.66 -9.58 -39.63
N SER B 158 -22.21 -10.66 -40.25
CA SER B 158 -21.62 -11.79 -39.55
C SER B 158 -20.12 -11.61 -39.62
N GLY B 159 -19.50 -12.24 -38.68
CA GLY B 159 -18.07 -12.21 -38.49
C GLY B 159 -17.85 -12.51 -37.04
N VAL B 160 -16.64 -12.31 -36.60
CA VAL B 160 -16.30 -12.58 -35.22
C VAL B 160 -15.49 -11.43 -34.64
N LEU B 161 -15.49 -11.47 -33.34
CA LEU B 161 -14.87 -10.45 -32.50
C LEU B 161 -14.28 -11.12 -31.22
N SER B 162 -13.08 -10.73 -30.84
CA SER B 162 -12.43 -11.24 -29.60
C SER B 162 -11.77 -10.09 -28.89
N VAL B 163 -11.87 -10.14 -27.59
CA VAL B 163 -11.27 -9.17 -26.71
C VAL B 163 -10.70 -9.88 -25.49
N ASN B 164 -9.46 -9.54 -25.17
CA ASN B 164 -8.83 -10.09 -23.98
C ASN B 164 -8.10 -9.01 -23.18
N GLN B 165 -7.95 -9.36 -21.93
CA GLN B 165 -7.29 -8.53 -20.92
C GLN B 165 -6.14 -9.24 -20.31
N VAL B 166 -5.04 -9.00 -20.94
CA VAL B 166 -3.80 -9.56 -20.52
C VAL B 166 -3.66 -9.37 -19.01
N ASN B 167 -4.17 -10.37 -18.32
CA ASN B 167 -4.08 -10.49 -16.86
C ASN B 167 -2.98 -11.49 -16.60
N ARG B 168 -2.98 -12.46 -17.49
CA ARG B 168 -2.07 -13.59 -17.50
C ARG B 168 -1.72 -13.97 -18.94
N GLU B 169 -0.62 -14.67 -19.05
CA GLU B 169 -0.12 -15.16 -20.33
C GLU B 169 -0.57 -16.60 -20.51
N ALA B 170 -0.64 -16.96 -21.76
CA ALA B 170 -0.98 -18.33 -22.17
C ALA B 170 0.20 -18.84 -22.97
N THR B 171 0.99 -19.63 -22.31
CA THR B 171 2.19 -20.13 -22.94
C THR B 171 2.05 -21.60 -23.32
N VAL B 172 2.25 -21.74 -24.59
CA VAL B 172 2.16 -22.98 -25.33
C VAL B 172 3.53 -23.66 -25.42
N LEU B 173 3.45 -24.75 -26.13
CA LEU B 173 4.56 -25.65 -26.39
C LEU B 173 5.47 -25.11 -27.50
N GLN B 174 6.73 -25.01 -27.11
CA GLN B 174 7.83 -24.59 -27.99
C GLN B 174 8.70 -25.82 -28.23
N PRO B 175 8.75 -26.34 -29.46
CA PRO B 175 9.46 -27.58 -29.75
C PRO B 175 10.92 -27.55 -29.41
N LEU B 176 11.61 -26.42 -29.30
CA LEU B 176 13.06 -26.51 -28.97
C LEU B 176 13.36 -26.22 -27.48
N LYS B 177 12.48 -26.62 -26.55
CA LYS B 177 12.68 -26.24 -25.12
C LYS B 177 12.60 -27.33 -24.10
N GLY C 14 25.37 12.82 16.81
CA GLY C 14 25.52 13.57 18.09
C GLY C 14 24.30 13.39 19.03
N ALA C 15 23.70 14.53 19.36
CA ALA C 15 22.54 14.61 20.27
C ALA C 15 21.23 14.43 19.50
N ARG C 16 20.20 14.05 20.25
CA ARG C 16 18.85 13.84 19.70
C ARG C 16 18.45 15.05 18.87
N LEU C 17 17.43 14.86 18.06
CA LEU C 17 16.92 15.91 17.17
C LEU C 17 15.40 15.87 17.08
N TRP C 18 14.95 14.81 16.45
CA TRP C 18 13.52 14.56 16.20
C TRP C 18 12.79 14.24 17.49
N TYR C 19 11.71 14.98 17.68
CA TYR C 19 10.84 14.84 18.83
C TYR C 19 9.39 14.88 18.38
N VAL C 20 8.78 13.73 18.52
CA VAL C 20 7.39 13.47 18.11
C VAL C 20 6.46 13.45 19.33
N GLY C 21 7.03 13.08 20.46
CA GLY C 21 6.30 13.00 21.73
C GLY C 21 6.50 11.57 22.30
N GLY C 22 7.58 10.88 21.83
CA GLY C 22 7.92 9.48 22.29
C GLY C 22 8.95 8.73 21.37
N THR C 23 8.41 7.63 20.78
CA THR C 23 9.07 6.67 19.82
C THR C 23 8.04 6.34 18.73
N GLN C 24 8.58 6.54 17.55
CA GLN C 24 7.93 6.30 16.27
C GLN C 24 8.92 5.41 15.51
N TYR C 25 8.47 4.26 15.07
CA TYR C 25 9.36 3.29 14.44
C TYR C 25 9.82 3.71 13.06
#